data_3IUG
#
_entry.id   3IUG
#
_cell.length_a   102.264
_cell.length_b   117.369
_cell.length_c   37.717
_cell.angle_alpha   90.000
_cell.angle_beta   90.000
_cell.angle_gamma   90.000
#
_symmetry.space_group_name_H-M   'P 21 21 2'
#
loop_
_entity.id
_entity.type
_entity.pdbx_description
1 polymer 'Rho/Cdc42/Rac GTPase-activating protein RICS'
2 non-polymer 'UNKNOWN ATOM OR ION'
3 water water
#
_entity_poly.entity_id   1
_entity_poly.type   'polypeptide(L)'
_entity_poly.pdbx_seq_one_letter_code
;MHHHHHHSSGRENLYFQGERVFGCDLGEHLLNSGFEVPQVLQSCTAFIERYGIVDGIYRLSGVASNIQRLRHEFDSEHVP
DLTKEPYVQDIHSVGSLCKLYFRELPNPLLTYQLYEKFSDAVSAATDEERLIKIHDVIQQLPPPHYRTLEFLMRHLSLLA
DYCSITNMHAKNLAIVWAPNLLRSKQIESACFSGTAAFMEVRIQSVVVEFILNHVDVLFSGRISMAMQE
;
_entity_poly.pdbx_strand_id   A,B
#
loop_
_chem_comp.id
_chem_comp.type
_chem_comp.name
_chem_comp.formula
UNX non-polymer 'UNKNOWN ATOM OR ION' ?
#
# COMPACT_ATOMS: atom_id res chain seq x y z
N GLY A 18 15.16 30.24 0.86
CA GLY A 18 14.63 31.50 1.36
C GLY A 18 14.69 31.57 2.86
N GLU A 19 13.69 32.18 3.48
CA GLU A 19 13.66 32.32 4.91
C GLU A 19 12.86 31.26 5.66
N ARG A 20 11.92 30.64 4.98
CA ARG A 20 11.09 29.61 5.62
CA ARG A 20 11.03 29.67 5.62
C ARG A 20 10.36 28.79 4.57
N VAL A 21 9.77 27.69 5.03
CA VAL A 21 9.06 26.72 4.17
C VAL A 21 7.59 26.70 4.60
N PHE A 22 7.34 26.48 5.88
CA PHE A 22 5.97 26.49 6.39
C PHE A 22 5.45 27.94 6.42
N GLY A 23 4.35 28.19 5.71
CA GLY A 23 3.80 29.51 5.59
C GLY A 23 4.28 30.26 4.35
N CYS A 24 5.22 29.69 3.59
CA CYS A 24 5.67 30.27 2.38
C CYS A 24 4.72 29.88 1.26
N ASP A 25 4.41 30.82 0.40
CA ASP A 25 3.58 30.50 -0.77
C ASP A 25 4.20 29.34 -1.54
N LEU A 26 3.36 28.40 -1.99
CA LEU A 26 3.83 27.20 -2.67
C LEU A 26 4.69 27.48 -3.94
N GLY A 27 4.21 28.39 -4.78
CA GLY A 27 4.96 28.82 -5.94
C GLY A 27 6.29 29.49 -5.61
N GLU A 28 6.29 30.33 -4.56
CA GLU A 28 7.52 31.01 -4.17
CA GLU A 28 7.52 31.00 -4.14
C GLU A 28 8.50 29.94 -3.65
N HIS A 29 8.00 29.01 -2.84
CA HIS A 29 8.87 27.98 -2.25
C HIS A 29 9.54 27.14 -3.32
N LEU A 30 8.76 26.70 -4.32
CA LEU A 30 9.30 25.83 -5.35
C LEU A 30 10.25 26.56 -6.31
N LEU A 31 10.00 27.84 -6.53
CA LEU A 31 10.92 28.71 -7.29
C LEU A 31 12.26 28.70 -6.56
N ASN A 32 12.24 28.90 -5.24
CA ASN A 32 13.44 28.95 -4.40
C ASN A 32 14.18 27.62 -4.31
N SER A 33 13.46 26.52 -4.16
CA SER A 33 14.10 25.19 -3.90
C SER A 33 14.50 24.47 -5.17
N GLY A 34 13.84 24.75 -6.28
CA GLY A 34 14.12 24.04 -7.53
C GLY A 34 13.45 22.66 -7.68
N PHE A 35 12.68 22.22 -6.70
CA PHE A 35 12.05 20.87 -6.72
C PHE A 35 10.73 20.93 -7.43
N GLU A 36 10.32 19.82 -8.07
CA GLU A 36 9.03 19.72 -8.74
C GLU A 36 7.87 19.96 -7.77
N VAL A 37 7.99 19.36 -6.59
CA VAL A 37 7.00 19.48 -5.49
C VAL A 37 7.82 19.62 -4.22
N PRO A 38 7.20 20.10 -3.12
CA PRO A 38 8.03 20.42 -1.98
C PRO A 38 8.79 19.22 -1.38
N GLN A 39 10.04 19.46 -0.96
CA GLN A 39 10.81 18.40 -0.31
C GLN A 39 10.05 17.81 0.86
N VAL A 40 9.39 18.62 1.66
CA VAL A 40 8.69 18.05 2.82
C VAL A 40 7.60 17.05 2.38
N LEU A 41 6.91 17.33 1.28
CA LEU A 41 5.87 16.47 0.77
C LEU A 41 6.54 15.17 0.29
N GLN A 42 7.66 15.30 -0.45
CA GLN A 42 8.37 14.10 -0.91
C GLN A 42 8.78 13.26 0.25
N SER A 43 9.37 13.88 1.27
CA SER A 43 9.91 13.13 2.40
C SER A 43 8.83 12.45 3.20
N CYS A 44 7.76 13.19 3.52
CA CYS A 44 6.63 12.60 4.30
C CYS A 44 5.95 11.46 3.53
N THR A 45 5.66 11.63 2.25
CA THR A 45 4.97 10.58 1.47
C THR A 45 5.88 9.35 1.31
N ALA A 46 7.15 9.57 1.03
CA ALA A 46 8.09 8.45 0.89
C ALA A 46 8.13 7.64 2.16
N PHE A 47 8.24 8.31 3.30
CA PHE A 47 8.22 7.65 4.58
C PHE A 47 6.89 6.87 4.77
N ILE A 48 5.75 7.53 4.57
CA ILE A 48 4.47 6.89 4.83
C ILE A 48 4.25 5.67 3.93
N GLU A 49 4.66 5.75 2.66
CA GLU A 49 4.47 4.66 1.71
C GLU A 49 5.24 3.41 2.05
N ARG A 50 6.33 3.61 2.75
CA ARG A 50 7.23 2.50 3.12
C ARG A 50 6.98 2.04 4.52
N TYR A 51 6.86 2.96 5.46
CA TYR A 51 6.79 2.65 6.88
C TYR A 51 5.48 3.01 7.57
N GLY A 52 4.53 3.61 6.85
CA GLY A 52 3.34 4.18 7.47
C GLY A 52 2.03 3.52 7.03
N ILE A 53 2.14 2.29 6.51
CA ILE A 53 0.95 1.53 6.08
C ILE A 53 0.36 0.85 7.31
N VAL A 54 -0.34 1.68 8.11
CA VAL A 54 -0.85 1.28 9.38
C VAL A 54 -2.28 1.75 9.59
N ASP A 55 -3.00 1.02 10.44
CA ASP A 55 -4.32 1.51 10.90
C ASP A 55 -4.30 2.99 11.30
N GLY A 56 -5.20 3.76 10.71
CA GLY A 56 -5.38 5.11 11.11
C GLY A 56 -4.42 6.13 10.59
N ILE A 57 -3.62 5.78 9.57
CA ILE A 57 -2.81 6.78 8.88
C ILE A 57 -3.70 7.97 8.48
N TYR A 58 -3.22 9.17 8.84
CA TYR A 58 -3.88 10.44 8.66
C TYR A 58 -5.13 10.69 9.51
N ARG A 59 -5.68 9.65 10.13
CA ARG A 59 -6.76 9.82 11.10
C ARG A 59 -6.17 10.21 12.45
N LEU A 60 -5.21 9.41 12.88
CA LEU A 60 -4.55 9.62 14.14
C LEU A 60 -3.54 10.77 13.98
N SER A 61 -3.19 11.38 15.09
CA SER A 61 -2.31 12.54 15.13
C SER A 61 -1.02 12.26 15.88
N GLY A 62 0.04 12.93 15.47
CA GLY A 62 1.28 12.89 16.23
C GLY A 62 1.21 13.66 17.54
N VAL A 63 2.22 13.44 18.38
CA VAL A 63 2.41 14.26 19.59
C VAL A 63 2.87 15.65 19.19
N ALA A 64 2.22 16.69 19.70
CA ALA A 64 2.52 18.06 19.25
C ALA A 64 4.01 18.45 19.30
N SER A 65 4.73 18.01 20.33
CA SER A 65 6.14 18.36 20.46
C SER A 65 6.95 17.72 19.34
N ASN A 66 6.53 16.51 18.94
CA ASN A 66 7.16 15.77 17.87
C ASN A 66 6.88 16.43 16.51
N ILE A 67 5.66 16.89 16.32
CA ILE A 67 5.30 17.59 15.07
C ILE A 67 6.08 18.89 14.95
N GLN A 68 6.17 19.63 16.06
CA GLN A 68 6.88 20.92 16.04
C GLN A 68 8.35 20.76 15.78
N ARG A 69 8.97 19.70 16.29
CA ARG A 69 10.38 19.36 16.02
C ARG A 69 10.62 19.09 14.54
N LEU A 70 9.76 18.25 13.96
CA LEU A 70 9.87 17.98 12.54
C LEU A 70 9.68 19.23 11.69
N ARG A 71 8.70 20.04 12.08
CA ARG A 71 8.38 21.29 11.41
C ARG A 71 9.60 22.20 11.40
N HIS A 72 10.21 22.33 12.57
CA HIS A 72 11.39 23.21 12.73
C HIS A 72 12.51 22.75 11.83
N GLU A 73 12.73 21.44 11.74
CA GLU A 73 13.75 20.93 10.85
C GLU A 73 13.48 21.19 9.38
N PHE A 74 12.30 20.76 8.90
CA PHE A 74 11.96 20.99 7.51
C PHE A 74 11.90 22.50 7.16
N ASP A 75 11.42 23.32 8.07
CA ASP A 75 11.35 24.77 7.88
C ASP A 75 12.72 25.42 7.66
N SER A 76 13.78 24.73 8.11
CA SER A 76 15.17 25.15 7.83
CA SER A 76 15.18 25.13 7.85
C SER A 76 15.75 24.53 6.58
N GLU A 77 14.91 23.78 5.85
CA GLU A 77 15.36 23.01 4.72
C GLU A 77 16.39 21.94 5.12
N HIS A 78 16.31 21.49 6.37
CA HIS A 78 17.06 20.29 6.74
C HIS A 78 16.15 19.08 6.48
N VAL A 79 16.69 18.02 5.88
CA VAL A 79 15.87 16.84 5.66
C VAL A 79 16.27 15.79 6.72
N PRO A 80 15.44 15.60 7.77
CA PRO A 80 15.77 14.59 8.81
C PRO A 80 15.63 13.16 8.31
N ASP A 81 16.32 12.20 8.93
CA ASP A 81 16.22 10.82 8.40
C ASP A 81 15.12 10.14 9.17
N LEU A 82 13.93 10.16 8.58
CA LEU A 82 12.72 9.68 9.23
C LEU A 82 12.73 8.15 9.45
N THR A 83 13.51 7.46 8.62
CA THR A 83 13.55 5.98 8.60
C THR A 83 14.44 5.42 9.70
N LYS A 84 15.14 6.30 10.42
CA LYS A 84 15.97 5.93 11.55
C LYS A 84 15.28 6.42 12.82
N GLU A 85 15.58 5.79 13.95
CA GLU A 85 15.08 6.28 15.25
C GLU A 85 15.70 7.66 15.45
N PRO A 86 15.07 8.53 16.25
CA PRO A 86 13.81 8.39 17.00
C PRO A 86 12.55 8.65 16.16
N TYR A 87 12.76 8.98 14.88
CA TYR A 87 11.65 9.35 13.99
C TYR A 87 10.82 8.13 13.59
N VAL A 88 11.48 6.99 13.33
CA VAL A 88 10.82 5.89 12.62
C VAL A 88 9.61 5.33 13.39
N GLN A 89 9.58 5.57 14.70
CA GLN A 89 8.53 5.08 15.60
C GLN A 89 7.24 5.91 15.52
N ASP A 90 7.35 7.24 15.47
CA ASP A 90 6.14 8.07 15.58
C ASP A 90 5.63 8.38 14.16
N ILE A 91 4.89 7.42 13.63
CA ILE A 91 4.43 7.50 12.27
C ILE A 91 3.50 8.68 12.16
N HIS A 92 2.63 8.89 13.15
CA HIS A 92 1.54 9.84 12.97
C HIS A 92 1.96 11.31 13.05
N SER A 93 3.11 11.59 13.64
CA SER A 93 3.75 12.91 13.52
C SER A 93 4.07 13.25 12.06
N VAL A 94 4.48 12.26 11.29
CA VAL A 94 4.76 12.46 9.86
C VAL A 94 3.49 12.80 9.08
N GLY A 95 2.42 12.04 9.35
CA GLY A 95 1.13 12.31 8.71
C GLY A 95 0.59 13.67 9.11
N SER A 96 0.72 14.00 10.40
CA SER A 96 0.31 15.29 10.87
C SER A 96 1.08 16.44 10.23
N LEU A 97 2.39 16.25 10.10
CA LEU A 97 3.23 17.27 9.54
C LEU A 97 2.87 17.54 8.08
N CYS A 98 2.67 16.46 7.33
CA CYS A 98 2.26 16.52 5.91
C CYS A 98 1.00 17.38 5.74
N LYS A 99 -0.05 17.09 6.54
CA LYS A 99 -1.25 17.88 6.49
C LYS A 99 -1.03 19.35 6.88
N LEU A 100 -0.19 19.57 7.90
CA LEU A 100 0.04 20.90 8.42
C LEU A 100 0.74 21.78 7.40
N TYR A 101 1.68 21.23 6.63
CA TYR A 101 2.35 21.98 5.56
C TYR A 101 1.27 22.63 4.68
N PHE A 102 0.29 21.84 4.29
CA PHE A 102 -0.78 22.36 3.41
C PHE A 102 -1.69 23.37 4.11
N ARG A 103 -1.96 23.14 5.39
CA ARG A 103 -2.84 23.99 6.17
C ARG A 103 -2.21 25.39 6.29
N GLU A 104 -0.88 25.44 6.38
CA GLU A 104 -0.16 26.75 6.48
C GLU A 104 0.12 27.49 5.17
N LEU A 105 -0.10 26.89 4.00
CA LEU A 105 0.10 27.60 2.76
C LEU A 105 -0.78 28.84 2.73
N PRO A 106 -0.21 29.99 2.28
CA PRO A 106 -1.00 31.22 2.30
C PRO A 106 -2.01 31.25 1.20
N ASN A 107 -1.79 30.50 0.14
CA ASN A 107 -2.83 30.24 -0.90
C ASN A 107 -2.96 28.75 -0.93
N PRO A 108 -4.13 28.23 -0.54
CA PRO A 108 -4.31 26.76 -0.43
C PRO A 108 -3.99 26.04 -1.71
N LEU A 109 -3.71 24.75 -1.57
CA LEU A 109 -3.37 23.93 -2.70
C LEU A 109 -4.29 24.11 -3.91
N LEU A 110 -5.61 24.03 -3.70
CA LEU A 110 -6.53 24.14 -4.82
C LEU A 110 -6.76 25.60 -5.28
N THR A 111 -6.22 26.53 -4.50
CA THR A 111 -6.15 27.99 -4.77
C THR A 111 -7.43 28.73 -4.46
N TYR A 112 -7.28 29.98 -4.01
CA TYR A 112 -8.43 30.84 -3.84
C TYR A 112 -9.11 31.15 -5.17
N GLN A 113 -8.35 31.37 -6.24
CA GLN A 113 -8.95 31.74 -7.50
C GLN A 113 -9.97 30.69 -8.01
N LEU A 114 -9.70 29.40 -7.73
CA LEU A 114 -10.53 28.29 -8.23
C LEU A 114 -11.46 27.61 -7.24
N TYR A 115 -11.52 28.13 -6.03
CA TYR A 115 -12.36 27.56 -4.98
C TYR A 115 -13.81 27.38 -5.42
N GLU A 116 -14.40 28.42 -5.99
CA GLU A 116 -15.83 28.34 -6.34
C GLU A 116 -16.04 27.43 -7.54
N LYS A 117 -15.14 27.48 -8.52
CA LYS A 117 -15.20 26.61 -9.69
C LYS A 117 -15.10 25.13 -9.29
N PHE A 118 -14.21 24.79 -8.33
CA PHE A 118 -14.15 23.40 -7.86
C PHE A 118 -15.50 22.93 -7.27
N SER A 119 -16.12 23.76 -6.41
CA SER A 119 -17.44 23.44 -5.82
C SER A 119 -18.52 23.25 -6.88
N ASP A 120 -18.56 24.16 -7.84
CA ASP A 120 -19.57 24.12 -8.91
C ASP A 120 -19.39 22.88 -9.80
N ALA A 121 -18.13 22.52 -10.05
CA ALA A 121 -17.81 21.36 -10.86
C ALA A 121 -18.42 20.10 -10.32
N VAL A 122 -18.23 19.86 -9.02
CA VAL A 122 -18.67 18.63 -8.39
C VAL A 122 -20.19 18.61 -8.21
N SER A 123 -20.80 19.79 -8.24
CA SER A 123 -22.25 19.93 -8.16
C SER A 123 -23.00 19.54 -9.44
N ALA A 124 -22.30 19.23 -10.53
CA ALA A 124 -22.97 18.69 -11.72
C ALA A 124 -23.73 17.38 -11.44
N ALA A 125 -24.73 17.09 -12.29
CA ALA A 125 -25.72 16.05 -12.01
C ALA A 125 -25.24 14.60 -12.20
N THR A 126 -24.27 14.37 -13.11
CA THR A 126 -23.73 13.04 -13.42
C THR A 126 -22.23 13.04 -13.29
N ASP A 127 -21.67 11.86 -13.07
CA ASP A 127 -20.25 11.70 -12.93
C ASP A 127 -19.53 12.13 -14.19
N GLU A 128 -20.08 11.84 -15.36
CA GLU A 128 -19.44 12.29 -16.62
C GLU A 128 -19.26 13.80 -16.65
N GLU A 129 -20.29 14.54 -16.25
CA GLU A 129 -20.20 15.99 -16.30
C GLU A 129 -19.27 16.52 -15.20
N ARG A 130 -19.36 15.93 -14.02
CA ARG A 130 -18.41 16.26 -12.95
C ARG A 130 -16.97 16.05 -13.43
N LEU A 131 -16.70 14.94 -14.12
CA LEU A 131 -15.36 14.64 -14.54
C LEU A 131 -14.88 15.74 -15.47
N ILE A 132 -15.70 16.05 -16.48
CA ILE A 132 -15.33 17.09 -17.42
C ILE A 132 -15.10 18.46 -16.75
N LYS A 133 -15.99 18.83 -15.85
CA LYS A 133 -15.90 20.13 -15.20
C LYS A 133 -14.69 20.23 -14.23
N ILE A 134 -14.43 19.16 -13.49
CA ILE A 134 -13.30 19.08 -12.57
C ILE A 134 -11.99 19.11 -13.33
N HIS A 135 -11.91 18.34 -14.42
CA HIS A 135 -10.78 18.40 -15.32
C HIS A 135 -10.51 19.83 -15.73
N ASP A 136 -11.55 20.56 -16.15
CA ASP A 136 -11.34 21.89 -16.71
C ASP A 136 -10.78 22.85 -15.65
N VAL A 137 -11.14 22.61 -14.39
CA VAL A 137 -10.65 23.45 -13.29
C VAL A 137 -9.21 23.07 -12.99
N ILE A 138 -8.92 21.77 -12.89
CA ILE A 138 -7.57 21.32 -12.59
C ILE A 138 -6.57 21.90 -13.63
N GLN A 139 -6.99 21.91 -14.91
CA GLN A 139 -6.12 22.38 -15.97
C GLN A 139 -5.73 23.85 -15.89
N GLN A 140 -6.46 24.62 -15.07
CA GLN A 140 -6.08 26.00 -14.89
CA GLN A 140 -6.28 26.05 -14.78
C GLN A 140 -5.34 26.28 -13.60
N LEU A 141 -5.04 25.22 -12.84
CA LEU A 141 -4.13 25.40 -11.71
C LEU A 141 -2.74 25.85 -12.22
N PRO A 142 -2.12 26.82 -11.54
CA PRO A 142 -0.73 27.14 -11.92
C PRO A 142 0.20 25.96 -11.74
N PRO A 143 1.27 25.87 -12.56
CA PRO A 143 2.13 24.69 -12.51
C PRO A 143 2.59 24.20 -11.11
N PRO A 144 3.06 25.08 -10.20
CA PRO A 144 3.47 24.48 -8.88
C PRO A 144 2.32 23.80 -8.12
N HIS A 145 1.13 24.41 -8.17
CA HIS A 145 -0.07 23.84 -7.59
C HIS A 145 -0.50 22.54 -8.34
N TYR A 146 -0.45 22.56 -9.67
CA TYR A 146 -0.81 21.40 -10.46
C TYR A 146 0.05 20.19 -10.13
N ARG A 147 1.37 20.40 -10.12
CA ARG A 147 2.30 19.29 -9.85
C ARG A 147 2.18 18.74 -8.41
N THR A 148 2.02 19.64 -7.46
CA THR A 148 1.92 19.29 -6.08
C THR A 148 0.60 18.54 -5.80
N LEU A 149 -0.50 18.97 -6.44
CA LEU A 149 -1.77 18.27 -6.30
C LEU A 149 -1.71 16.88 -6.96
N GLU A 150 -1.08 16.77 -8.13
CA GLU A 150 -0.98 15.46 -8.76
C GLU A 150 -0.23 14.52 -7.82
N PHE A 151 0.91 14.97 -7.32
CA PHE A 151 1.78 14.15 -6.48
C PHE A 151 1.05 13.70 -5.19
N LEU A 152 0.35 14.63 -4.51
CA LEU A 152 -0.43 14.32 -3.34
C LEU A 152 -1.58 13.34 -3.65
N MET A 153 -2.29 13.56 -4.75
CA MET A 153 -3.44 12.72 -5.08
C MET A 153 -2.95 11.29 -5.45
N ARG A 154 -1.82 11.20 -6.14
CA ARG A 154 -1.29 9.88 -6.45
C ARG A 154 -0.87 9.14 -5.20
N HIS A 155 -0.30 9.86 -4.22
CA HIS A 155 0.05 9.30 -2.91
C HIS A 155 -1.20 8.83 -2.18
N LEU A 156 -2.27 9.63 -2.16
CA LEU A 156 -3.44 9.24 -1.40
C LEU A 156 -4.17 8.05 -2.13
N SER A 157 -4.13 7.98 -3.45
CA SER A 157 -4.69 6.88 -4.22
C SER A 157 -3.96 5.56 -3.92
N LEU A 158 -2.65 5.64 -3.89
CA LEU A 158 -1.81 4.52 -3.53
C LEU A 158 -2.17 4.06 -2.11
N LEU A 159 -2.29 4.99 -1.18
CA LEU A 159 -2.61 4.62 0.19
CA LEU A 159 -2.63 4.59 0.20
C LEU A 159 -3.99 3.94 0.27
N ALA A 160 -4.96 4.44 -0.50
CA ALA A 160 -6.33 3.91 -0.48
C ALA A 160 -6.32 2.39 -0.88
N ASP A 161 -5.34 1.98 -1.66
CA ASP A 161 -5.21 0.57 -2.03
C ASP A 161 -5.04 -0.33 -0.85
N TYR A 162 -4.45 0.18 0.21
CA TYR A 162 -4.21 -0.52 1.45
C TYR A 162 -5.34 -0.39 2.51
N CYS A 163 -6.53 0.01 2.07
CA CYS A 163 -7.63 0.34 3.00
C CYS A 163 -8.03 -0.82 3.92
N SER A 164 -7.81 -2.07 3.47
CA SER A 164 -8.11 -3.21 4.36
C SER A 164 -7.17 -3.30 5.56
N ILE A 165 -5.99 -2.69 5.46
CA ILE A 165 -5.04 -2.57 6.57
C ILE A 165 -5.18 -1.28 7.35
N THR A 166 -5.29 -0.16 6.62
CA THR A 166 -5.24 1.13 7.25
C THR A 166 -6.62 1.52 7.81
N ASN A 167 -7.66 0.91 7.28
CA ASN A 167 -9.07 1.32 7.55
C ASN A 167 -9.31 2.73 7.12
N MET A 168 -8.54 3.18 6.13
CA MET A 168 -8.69 4.50 5.50
C MET A 168 -9.03 4.40 4.02
N HIS A 169 -10.34 4.35 3.75
CA HIS A 169 -10.81 4.41 2.39
C HIS A 169 -10.66 5.81 1.81
N ALA A 170 -10.82 5.94 0.50
CA ALA A 170 -10.69 7.23 -0.18
C ALA A 170 -11.60 8.27 0.43
N LYS A 171 -12.82 7.87 0.80
CA LYS A 171 -13.77 8.82 1.35
C LYS A 171 -13.24 9.47 2.64
N ASN A 172 -12.72 8.66 3.54
CA ASN A 172 -12.22 9.15 4.81
C ASN A 172 -10.88 9.84 4.67
N LEU A 173 -10.03 9.37 3.77
CA LEU A 173 -8.81 10.15 3.42
C LEU A 173 -9.18 11.58 2.96
N ALA A 174 -10.18 11.74 2.11
CA ALA A 174 -10.58 13.01 1.57
C ALA A 174 -11.20 13.89 2.68
N ILE A 175 -11.93 13.29 3.63
CA ILE A 175 -12.53 14.02 4.74
C ILE A 175 -11.49 14.59 5.67
N VAL A 176 -10.48 13.81 6.01
CA VAL A 176 -9.38 14.30 6.85
CA VAL A 176 -9.41 14.33 6.87
C VAL A 176 -8.52 15.33 6.13
N TRP A 177 -8.31 15.13 4.81
CA TRP A 177 -7.47 16.03 4.04
C TRP A 177 -8.10 17.33 3.62
N ALA A 178 -9.36 17.28 3.22
CA ALA A 178 -9.96 18.43 2.45
C ALA A 178 -9.80 19.78 3.16
N PRO A 179 -9.99 19.84 4.49
CA PRO A 179 -9.87 21.17 5.13
C PRO A 179 -8.50 21.85 4.91
N ASN A 180 -7.45 21.05 4.75
CA ASN A 180 -6.11 21.57 4.54
C ASN A 180 -5.86 22.03 3.14
N LEU A 181 -6.67 21.59 2.18
CA LEU A 181 -6.41 21.73 0.75
C LEU A 181 -7.27 22.72 -0.03
N LEU A 182 -8.51 22.87 0.42
CA LEU A 182 -9.55 23.58 -0.32
C LEU A 182 -10.26 24.44 0.73
N ARG A 183 -9.99 25.74 0.69
CA ARG A 183 -10.63 26.69 1.59
C ARG A 183 -10.77 28.04 0.90
N SER A 184 -11.72 28.83 1.41
CA SER A 184 -12.21 30.13 0.91
C SER A 184 -11.33 31.29 1.38
N GLN A 204 -16.61 20.51 0.60
CA GLN A 204 -15.20 20.51 0.22
C GLN A 204 -14.65 19.08 0.09
N SER A 205 -15.01 18.19 1.00
CA SER A 205 -14.47 16.80 0.91
C SER A 205 -15.05 16.06 -0.30
N VAL A 206 -16.23 16.45 -0.78
CA VAL A 206 -16.74 15.87 -2.00
C VAL A 206 -15.79 16.10 -3.19
N VAL A 207 -15.32 17.34 -3.29
CA VAL A 207 -14.35 17.73 -4.36
C VAL A 207 -13.10 16.87 -4.26
N VAL A 208 -12.50 16.83 -3.07
CA VAL A 208 -11.26 16.10 -2.88
C VAL A 208 -11.45 14.58 -3.13
N GLU A 209 -12.55 14.02 -2.65
CA GLU A 209 -12.81 12.56 -2.86
C GLU A 209 -12.91 12.30 -4.38
N PHE A 210 -13.61 13.18 -5.09
CA PHE A 210 -13.79 13.00 -6.54
C PHE A 210 -12.42 13.01 -7.27
N ILE A 211 -11.60 13.98 -6.94
CA ILE A 211 -10.25 14.04 -7.53
C ILE A 211 -9.46 12.77 -7.21
N LEU A 212 -9.50 12.35 -5.94
CA LEU A 212 -8.75 11.18 -5.48
C LEU A 212 -9.20 9.94 -6.25
N ASN A 213 -10.52 9.76 -6.39
CA ASN A 213 -11.08 8.60 -7.06
C ASN A 213 -10.78 8.60 -8.59
N HIS A 214 -10.44 9.75 -9.17
CA HIS A 214 -10.25 9.82 -10.60
C HIS A 214 -8.87 10.35 -10.90
N VAL A 215 -7.89 10.12 -10.02
CA VAL A 215 -6.56 10.69 -10.20
CA VAL A 215 -6.55 10.67 -10.19
C VAL A 215 -5.90 10.26 -11.51
N ASP A 216 -6.04 9.01 -11.91
CA ASP A 216 -5.34 8.57 -13.13
C ASP A 216 -5.83 9.28 -14.39
N VAL A 217 -7.12 9.43 -14.53
CA VAL A 217 -7.65 10.07 -15.72
C VAL A 217 -7.47 11.57 -15.65
N LEU A 218 -7.56 12.16 -14.45
CA LEU A 218 -7.46 13.62 -14.34
C LEU A 218 -6.02 14.12 -14.53
N PHE A 219 -5.04 13.27 -14.26
CA PHE A 219 -3.63 13.64 -14.42
C PHE A 219 -2.90 12.80 -15.52
N SER A 220 -3.63 12.37 -16.55
CA SER A 220 -3.14 11.53 -17.68
C SER A 220 -2.56 12.37 -18.81
N ARG B 20 -13.59 -28.87 -6.08
CA ARG B 20 -13.44 -27.51 -5.52
C ARG B 20 -12.04 -27.31 -4.90
N VAL B 21 -11.48 -26.15 -5.21
CA VAL B 21 -10.13 -25.75 -4.77
C VAL B 21 -10.19 -24.57 -3.80
N PHE B 22 -10.92 -23.52 -4.19
CA PHE B 22 -11.07 -22.37 -3.32
C PHE B 22 -12.01 -22.65 -2.15
N GLY B 23 -11.49 -22.45 -0.94
CA GLY B 23 -12.20 -22.85 0.26
C GLY B 23 -11.99 -24.30 0.66
N CYS B 24 -11.22 -25.09 -0.11
CA CYS B 24 -10.87 -26.45 0.33
C CYS B 24 -9.66 -26.40 1.26
N ASP B 25 -9.71 -27.17 2.34
CA ASP B 25 -8.55 -27.29 3.22
C ASP B 25 -7.28 -27.57 2.43
N LEU B 26 -6.20 -26.88 2.82
CA LEU B 26 -4.92 -27.00 2.07
C LEU B 26 -4.41 -28.46 1.99
N GLY B 27 -4.31 -29.12 3.14
CA GLY B 27 -3.90 -30.54 3.18
C GLY B 27 -4.84 -31.44 2.38
N GLU B 28 -6.13 -31.24 2.56
CA GLU B 28 -7.15 -32.01 1.82
CA GLU B 28 -7.14 -32.01 1.81
C GLU B 28 -6.98 -31.81 0.31
N HIS B 29 -6.78 -30.56 -0.12
CA HIS B 29 -6.59 -30.28 -1.53
C HIS B 29 -5.38 -30.94 -2.07
N LEU B 30 -4.27 -30.93 -1.30
CA LEU B 30 -3.03 -31.50 -1.85
C LEU B 30 -2.98 -33.06 -1.81
N LEU B 31 -3.72 -33.67 -0.90
CA LEU B 31 -3.94 -35.13 -0.97
C LEU B 31 -4.78 -35.47 -2.23
N ASN B 32 -5.86 -34.71 -2.48
CA ASN B 32 -6.65 -34.79 -3.75
C ASN B 32 -5.81 -34.67 -5.03
N SER B 33 -4.99 -33.62 -5.12
CA SER B 33 -4.23 -33.29 -6.35
C SER B 33 -2.92 -34.04 -6.60
N GLY B 34 -2.24 -34.46 -5.54
CA GLY B 34 -0.88 -35.01 -5.68
C GLY B 34 0.31 -34.05 -5.86
N PHE B 35 0.05 -32.76 -6.11
CA PHE B 35 1.13 -31.74 -6.30
C PHE B 35 1.71 -31.40 -4.95
N GLU B 36 2.94 -30.86 -4.96
CA GLU B 36 3.67 -30.53 -3.71
C GLU B 36 3.08 -29.31 -3.04
N VAL B 37 2.72 -28.34 -3.87
CA VAL B 37 1.93 -27.16 -3.44
C VAL B 37 0.81 -26.91 -4.46
N PRO B 38 -0.19 -26.07 -4.10
CA PRO B 38 -1.38 -25.95 -4.99
C PRO B 38 -1.01 -25.46 -6.38
N GLN B 39 -1.57 -26.11 -7.39
CA GLN B 39 -1.39 -25.72 -8.78
CA GLN B 39 -1.35 -25.70 -8.77
C GLN B 39 -1.71 -24.24 -8.98
N VAL B 40 -2.77 -23.76 -8.36
CA VAL B 40 -3.16 -22.34 -8.51
C VAL B 40 -2.04 -21.40 -7.99
N LEU B 41 -1.35 -21.80 -6.92
CA LEU B 41 -0.20 -21.06 -6.43
C LEU B 41 0.93 -21.08 -7.47
N GLN B 42 1.19 -22.26 -8.03
CA GLN B 42 2.26 -22.43 -8.96
C GLN B 42 2.00 -21.59 -10.21
N SER B 43 0.75 -21.63 -10.68
CA SER B 43 0.31 -20.89 -11.88
C SER B 43 0.44 -19.38 -11.68
N CYS B 44 -0.04 -18.93 -10.53
CA CYS B 44 -0.01 -17.47 -10.26
C CYS B 44 1.39 -16.93 -10.05
N THR B 45 2.24 -17.66 -9.33
CA THR B 45 3.59 -17.19 -9.04
C THR B 45 4.44 -17.17 -10.29
N ALA B 46 4.33 -18.22 -11.10
CA ALA B 46 5.13 -18.28 -12.32
C ALA B 46 4.73 -17.14 -13.23
N PHE B 47 3.42 -16.88 -13.36
CA PHE B 47 2.93 -15.78 -14.18
C PHE B 47 3.47 -14.42 -13.66
N ILE B 48 3.38 -14.18 -12.36
CA ILE B 48 3.81 -12.91 -11.80
C ILE B 48 5.31 -12.72 -11.98
N GLU B 49 6.08 -13.79 -11.76
CA GLU B 49 7.53 -13.70 -11.82
C GLU B 49 8.03 -13.36 -13.24
N ARG B 50 7.28 -13.77 -14.24
CA ARG B 50 7.70 -13.51 -15.61
C ARG B 50 7.04 -12.28 -16.23
N TYR B 51 5.74 -12.12 -16.02
CA TYR B 51 4.88 -11.11 -16.66
C TYR B 51 4.43 -10.00 -15.75
N GLY B 52 4.63 -10.13 -14.43
CA GLY B 52 4.02 -9.20 -13.49
C GLY B 52 4.98 -8.43 -12.64
N ILE B 53 6.19 -8.17 -13.16
CA ILE B 53 7.11 -7.31 -12.47
C ILE B 53 6.74 -5.90 -12.84
N VAL B 54 5.70 -5.39 -12.13
CA VAL B 54 5.10 -4.08 -12.34
C VAL B 54 4.89 -3.30 -11.06
N ASP B 55 4.88 -1.98 -11.18
CA ASP B 55 4.55 -1.12 -10.08
C ASP B 55 3.26 -1.60 -9.39
N GLY B 56 3.32 -1.75 -8.07
CA GLY B 56 2.13 -2.03 -7.27
C GLY B 56 1.63 -3.45 -7.27
N ILE B 57 2.48 -4.39 -7.72
CA ILE B 57 2.14 -5.81 -7.66
C ILE B 57 1.68 -6.15 -6.24
N TYR B 58 0.54 -6.87 -6.14
CA TYR B 58 -0.13 -7.24 -4.88
C TYR B 58 -0.72 -6.06 -4.08
N ARG B 59 -0.44 -4.82 -4.46
CA ARG B 59 -1.08 -3.63 -3.83
C ARG B 59 -2.32 -3.25 -4.59
N LEU B 60 -2.20 -3.11 -5.92
CA LEU B 60 -3.33 -2.86 -6.82
C LEU B 60 -4.22 -4.11 -6.94
N SER B 61 -5.50 -3.90 -7.19
CA SER B 61 -6.44 -4.99 -7.21
CA SER B 61 -6.45 -4.99 -7.20
C SER B 61 -6.95 -5.21 -8.61
N GLY B 62 -7.30 -6.43 -8.94
CA GLY B 62 -7.86 -6.74 -10.23
C GLY B 62 -9.32 -6.36 -10.21
N VAL B 63 -10.01 -6.54 -11.33
CA VAL B 63 -11.43 -6.26 -11.42
C VAL B 63 -12.16 -7.48 -10.85
N ALA B 64 -13.14 -7.22 -9.98
CA ALA B 64 -13.85 -8.29 -9.25
C ALA B 64 -14.36 -9.39 -10.17
N SER B 65 -14.95 -9.01 -11.30
CA SER B 65 -15.45 -10.00 -12.26
C SER B 65 -14.36 -10.84 -12.91
N ASN B 66 -13.19 -10.27 -13.15
CA ASN B 66 -12.09 -11.02 -13.76
C ASN B 66 -11.48 -12.01 -12.75
N ILE B 67 -11.39 -11.59 -11.50
CA ILE B 67 -10.89 -12.45 -10.42
C ILE B 67 -11.82 -13.67 -10.27
N GLN B 68 -13.13 -13.39 -10.21
CA GLN B 68 -14.16 -14.43 -10.19
C GLN B 68 -14.08 -15.39 -11.36
N ARG B 69 -13.84 -14.91 -12.58
CA ARG B 69 -13.72 -15.81 -13.73
C ARG B 69 -12.56 -16.75 -13.56
N LEU B 70 -11.43 -16.21 -13.09
CA LEU B 70 -10.24 -17.02 -12.88
C LEU B 70 -10.45 -18.05 -11.79
N ARG B 71 -11.05 -17.62 -10.70
CA ARG B 71 -11.40 -18.50 -9.58
C ARG B 71 -12.21 -19.69 -10.09
N HIS B 72 -13.26 -19.36 -10.85
CA HIS B 72 -14.12 -20.40 -11.43
C HIS B 72 -13.30 -21.42 -12.18
N GLU B 73 -12.37 -20.96 -13.03
CA GLU B 73 -11.56 -21.86 -13.84
C GLU B 73 -10.63 -22.79 -13.05
N PHE B 74 -9.95 -22.24 -12.05
CA PHE B 74 -9.09 -23.04 -11.17
C PHE B 74 -9.92 -24.01 -10.30
N ASP B 75 -11.17 -23.65 -10.02
CA ASP B 75 -12.06 -24.53 -9.26
C ASP B 75 -12.61 -25.67 -10.09
N SER B 76 -12.57 -25.55 -11.41
CA SER B 76 -13.45 -26.37 -12.28
C SER B 76 -12.76 -27.53 -13.00
N GLU B 77 -11.59 -27.96 -12.49
CA GLU B 77 -10.79 -29.05 -13.11
C GLU B 77 -10.10 -28.58 -14.39
N HIS B 78 -10.10 -27.26 -14.60
CA HIS B 78 -9.40 -26.61 -15.72
C HIS B 78 -8.13 -25.92 -15.19
N VAL B 79 -7.12 -25.82 -16.05
CA VAL B 79 -5.91 -25.08 -15.71
C VAL B 79 -5.75 -23.97 -16.75
N PRO B 80 -6.26 -22.76 -16.46
CA PRO B 80 -6.18 -21.68 -17.47
C PRO B 80 -4.74 -21.32 -17.79
N ASP B 81 -4.49 -20.99 -19.04
CA ASP B 81 -3.18 -20.53 -19.48
C ASP B 81 -3.20 -19.01 -19.34
N LEU B 82 -2.54 -18.53 -18.29
CA LEU B 82 -2.50 -17.11 -17.98
C LEU B 82 -1.60 -16.32 -18.96
N THR B 83 -0.77 -17.03 -19.73
CA THR B 83 0.06 -16.44 -20.81
C THR B 83 -0.71 -16.02 -22.09
N LYS B 84 -1.99 -16.37 -22.19
CA LYS B 84 -2.85 -16.09 -23.35
C LYS B 84 -3.94 -15.10 -22.98
N GLU B 85 -4.51 -14.44 -23.98
CA GLU B 85 -5.68 -13.58 -23.75
C GLU B 85 -6.85 -14.44 -23.29
N PRO B 86 -7.80 -13.87 -22.55
CA PRO B 86 -7.93 -12.51 -22.02
C PRO B 86 -7.18 -12.26 -20.70
N TYR B 87 -6.30 -13.19 -20.29
CA TYR B 87 -5.70 -13.16 -18.94
C TYR B 87 -4.39 -12.35 -18.88
N VAL B 88 -3.57 -12.53 -19.90
CA VAL B 88 -2.17 -12.08 -19.88
C VAL B 88 -1.98 -10.57 -19.58
N GLN B 89 -2.93 -9.71 -19.95
CA GLN B 89 -2.77 -8.29 -19.76
C GLN B 89 -3.41 -7.78 -18.45
N ASP B 90 -3.97 -8.70 -17.66
CA ASP B 90 -4.63 -8.28 -16.45
C ASP B 90 -3.84 -8.85 -15.28
N ILE B 91 -2.70 -8.22 -15.04
CA ILE B 91 -1.75 -8.74 -14.06
C ILE B 91 -2.35 -8.77 -12.64
N HIS B 92 -3.03 -7.71 -12.25
CA HIS B 92 -3.52 -7.57 -10.86
C HIS B 92 -4.66 -8.49 -10.50
N SER B 93 -5.41 -8.97 -11.47
CA SER B 93 -6.35 -10.04 -11.18
C SER B 93 -5.60 -11.32 -10.70
N VAL B 94 -4.46 -11.63 -11.32
CA VAL B 94 -3.68 -12.81 -10.90
C VAL B 94 -3.11 -12.61 -9.49
N GLY B 95 -2.51 -11.45 -9.21
CA GLY B 95 -2.08 -11.10 -7.84
C GLY B 95 -3.23 -11.20 -6.82
N SER B 96 -4.39 -10.64 -7.16
CA SER B 96 -5.55 -10.72 -6.21
C SER B 96 -6.03 -12.15 -6.03
N LEU B 97 -6.04 -12.92 -7.09
CA LEU B 97 -6.50 -14.33 -7.06
C LEU B 97 -5.58 -15.12 -6.16
N CYS B 98 -4.30 -14.84 -6.29
CA CYS B 98 -3.31 -15.57 -5.47
C CYS B 98 -3.54 -15.34 -3.98
N LYS B 99 -3.74 -14.09 -3.59
CA LYS B 99 -4.03 -13.74 -2.21
C LYS B 99 -5.38 -14.36 -1.79
N LEU B 100 -6.36 -14.33 -2.70
CA LEU B 100 -7.70 -14.82 -2.37
C LEU B 100 -7.70 -16.30 -2.01
N TYR B 101 -6.93 -17.10 -2.75
CA TYR B 101 -6.79 -18.52 -2.47
C TYR B 101 -6.45 -18.71 -0.98
N PHE B 102 -5.48 -17.94 -0.50
CA PHE B 102 -5.03 -18.08 0.87
C PHE B 102 -6.07 -17.54 1.83
N ARG B 103 -6.73 -16.44 1.46
CA ARG B 103 -7.79 -15.89 2.29
CA ARG B 103 -7.79 -15.91 2.32
C ARG B 103 -8.89 -16.92 2.54
N GLU B 104 -9.20 -17.73 1.54
CA GLU B 104 -10.32 -18.68 1.59
C GLU B 104 -10.00 -20.05 2.24
N LEU B 105 -8.72 -20.34 2.51
CA LEU B 105 -8.39 -21.56 3.22
C LEU B 105 -9.14 -21.61 4.54
N PRO B 106 -9.80 -22.73 4.87
CA PRO B 106 -10.51 -22.81 6.16
C PRO B 106 -9.58 -22.82 7.39
N ASN B 107 -8.35 -23.28 7.20
CA ASN B 107 -7.30 -23.17 8.19
C ASN B 107 -6.16 -22.43 7.46
N PRO B 108 -5.85 -21.23 7.93
CA PRO B 108 -4.88 -20.44 7.19
C PRO B 108 -3.48 -21.07 7.10
N LEU B 109 -2.67 -20.53 6.19
CA LEU B 109 -1.38 -21.12 5.89
C LEU B 109 -0.52 -21.30 7.15
N LEU B 110 -0.43 -20.30 8.02
CA LEU B 110 0.39 -20.48 9.23
C LEU B 110 -0.38 -21.26 10.35
N THR B 111 -1.66 -21.54 10.11
CA THR B 111 -2.60 -22.37 10.93
C THR B 111 -3.12 -21.61 12.17
N TYR B 112 -4.38 -21.88 12.54
CA TYR B 112 -4.93 -21.38 13.78
C TYR B 112 -4.15 -21.89 15.01
N GLN B 113 -3.73 -23.15 14.95
CA GLN B 113 -3.04 -23.80 16.07
C GLN B 113 -1.77 -23.07 16.49
N LEU B 114 -1.06 -22.51 15.52
CA LEU B 114 0.24 -21.91 15.75
C LEU B 114 0.25 -20.39 15.78
N TYR B 115 -0.91 -19.73 15.68
CA TYR B 115 -0.97 -18.30 15.68
C TYR B 115 -0.27 -17.66 16.87
N GLU B 116 -0.58 -18.16 18.07
CA GLU B 116 0.00 -17.55 19.26
C GLU B 116 1.49 -17.82 19.31
N LYS B 117 1.89 -19.04 18.97
CA LYS B 117 3.33 -19.34 18.97
C LYS B 117 4.09 -18.44 17.98
N PHE B 118 3.51 -18.19 16.80
CA PHE B 118 4.18 -17.31 15.84
C PHE B 118 4.36 -15.91 16.42
N SER B 119 3.32 -15.39 17.08
CA SER B 119 3.37 -14.03 17.65
C SER B 119 4.41 -13.92 18.77
N ASP B 120 4.39 -14.89 19.65
CA ASP B 120 5.37 -14.98 20.72
C ASP B 120 6.82 -15.11 20.22
N ALA B 121 7.01 -15.84 19.13
CA ALA B 121 8.33 -16.06 18.56
C ALA B 121 8.99 -14.78 18.11
N VAL B 122 8.23 -14.00 17.38
CA VAL B 122 8.73 -12.82 16.78
C VAL B 122 8.96 -11.73 17.83
N SER B 123 8.36 -11.91 19.00
CA SER B 123 8.48 -10.97 20.13
C SER B 123 9.73 -11.11 20.98
N ALA B 124 10.55 -12.10 20.68
CA ALA B 124 11.82 -12.25 21.35
C ALA B 124 12.65 -10.97 21.20
N ALA B 125 13.50 -10.71 22.19
CA ALA B 125 14.27 -9.46 22.27
C ALA B 125 15.37 -9.28 21.23
N THR B 126 16.01 -10.36 20.79
CA THR B 126 17.12 -10.25 19.83
C THR B 126 16.81 -11.05 18.57
N ASP B 127 17.41 -10.64 17.45
CA ASP B 127 17.20 -11.32 16.19
C ASP B 127 17.64 -12.79 16.27
N GLU B 128 18.69 -13.11 17.03
CA GLU B 128 19.09 -14.56 17.15
C GLU B 128 17.98 -15.42 17.75
N GLU B 129 17.39 -14.94 18.83
CA GLU B 129 16.34 -15.66 19.50
C GLU B 129 15.08 -15.68 18.66
N ARG B 130 14.79 -14.56 17.99
CA ARG B 130 13.67 -14.56 17.07
C ARG B 130 13.88 -15.61 15.97
N LEU B 131 15.08 -15.74 15.46
CA LEU B 131 15.32 -16.72 14.38
C LEU B 131 15.07 -18.15 14.89
N ILE B 132 15.67 -18.49 16.03
CA ILE B 132 15.47 -19.80 16.63
C ILE B 132 14.02 -20.10 16.91
N LYS B 133 13.33 -19.13 17.49
CA LYS B 133 11.92 -19.35 17.89
C LYS B 133 10.99 -19.50 16.70
N ILE B 134 11.13 -18.64 15.70
CA ILE B 134 10.36 -18.75 14.45
C ILE B 134 10.66 -20.07 13.76
N HIS B 135 11.92 -20.44 13.66
CA HIS B 135 12.27 -21.76 13.12
C HIS B 135 11.50 -22.89 13.85
N ASP B 136 11.52 -22.86 15.18
CA ASP B 136 10.85 -23.92 15.97
C ASP B 136 9.31 -23.95 15.69
N VAL B 137 8.68 -22.81 15.44
CA VAL B 137 7.26 -22.79 15.07
C VAL B 137 7.03 -23.32 13.65
N ILE B 138 7.85 -22.89 12.69
CA ILE B 138 7.76 -23.38 11.31
C ILE B 138 7.88 -24.90 11.26
N GLN B 139 8.74 -25.48 12.11
CA GLN B 139 8.92 -26.91 12.10
C GLN B 139 7.69 -27.68 12.64
N GLN B 140 6.79 -27.01 13.31
CA GLN B 140 5.51 -27.58 13.76
C GLN B 140 4.41 -27.55 12.72
N LEU B 141 4.65 -26.90 11.56
CA LEU B 141 3.64 -26.87 10.52
C LEU B 141 3.49 -28.27 9.88
N PRO B 142 2.26 -28.69 9.59
CA PRO B 142 2.07 -29.90 8.80
C PRO B 142 2.76 -29.81 7.45
N PRO B 143 3.30 -30.94 6.94
CA PRO B 143 4.03 -30.92 5.69
C PRO B 143 3.33 -30.11 4.54
N PRO B 144 2.00 -30.28 4.27
CA PRO B 144 1.45 -29.46 3.18
C PRO B 144 1.54 -27.92 3.43
N HIS B 145 1.43 -27.50 4.68
CA HIS B 145 1.55 -26.08 5.01
C HIS B 145 3.02 -25.64 4.89
N TYR B 146 3.89 -26.52 5.39
CA TYR B 146 5.37 -26.29 5.34
C TYR B 146 5.82 -26.03 3.91
N ARG B 147 5.43 -26.90 2.99
CA ARG B 147 5.86 -26.79 1.60
C ARG B 147 5.29 -25.56 0.92
N THR B 148 4.03 -25.28 1.23
CA THR B 148 3.32 -24.21 0.57
C THR B 148 3.88 -22.88 1.07
N LEU B 149 4.21 -22.79 2.37
CA LEU B 149 4.81 -21.59 2.98
C LEU B 149 6.18 -21.36 2.41
N GLU B 150 6.96 -22.41 2.30
CA GLU B 150 8.28 -22.25 1.68
C GLU B 150 8.17 -21.65 0.27
N PHE B 151 7.29 -22.25 -0.53
CA PHE B 151 7.14 -21.88 -1.92
C PHE B 151 6.71 -20.39 -2.06
N LEU B 152 5.69 -20.04 -1.27
CA LEU B 152 5.18 -18.67 -1.25
C LEU B 152 6.23 -17.64 -0.80
N MET B 153 6.92 -17.93 0.29
CA MET B 153 7.97 -17.05 0.82
C MET B 153 9.13 -16.91 -0.17
N ARG B 154 9.54 -17.99 -0.86
CA ARG B 154 10.59 -17.83 -1.89
C ARG B 154 10.13 -16.92 -3.02
N HIS B 155 8.88 -17.09 -3.45
CA HIS B 155 8.26 -16.21 -4.46
C HIS B 155 8.30 -14.75 -4.04
N LEU B 156 7.86 -14.45 -2.80
CA LEU B 156 7.87 -13.06 -2.31
C LEU B 156 9.28 -12.46 -2.15
N SER B 157 10.23 -13.29 -1.72
CA SER B 157 11.62 -12.87 -1.59
C SER B 157 12.19 -12.47 -2.94
N LEU B 158 11.90 -13.28 -3.96
CA LEU B 158 12.33 -12.96 -5.33
C LEU B 158 11.69 -11.64 -5.80
N LEU B 159 10.38 -11.52 -5.64
CA LEU B 159 9.68 -10.29 -5.98
CA LEU B 159 9.70 -10.26 -6.01
C LEU B 159 10.31 -9.05 -5.26
N ALA B 160 10.67 -9.22 -4.00
CA ALA B 160 11.30 -8.14 -3.24
C ALA B 160 12.59 -7.65 -3.87
N ASP B 161 13.31 -8.52 -4.58
CA ASP B 161 14.48 -8.10 -5.34
C ASP B 161 14.18 -6.99 -6.37
N TYR B 162 12.95 -6.95 -6.91
CA TYR B 162 12.54 -6.05 -7.95
C TYR B 162 11.89 -4.75 -7.38
N CYS B 163 12.09 -4.47 -6.09
CA CYS B 163 11.48 -3.32 -5.40
C CYS B 163 11.69 -1.96 -6.07
N SER B 164 12.80 -1.78 -6.78
CA SER B 164 13.03 -0.51 -7.46
CA SER B 164 13.06 -0.55 -7.51
C SER B 164 12.06 -0.34 -8.63
N ILE B 165 11.51 -1.45 -9.15
CA ILE B 165 10.47 -1.43 -10.20
C ILE B 165 9.05 -1.50 -9.65
N THR B 166 8.82 -2.43 -8.75
CA THR B 166 7.49 -2.64 -8.20
C THR B 166 7.10 -1.61 -7.10
N ASN B 167 8.10 -0.96 -6.52
CA ASN B 167 7.89 -0.17 -5.29
C ASN B 167 7.22 -0.94 -4.09
N MET B 168 7.41 -2.25 -4.07
CA MET B 168 6.92 -3.12 -3.02
C MET B 168 8.11 -3.76 -2.38
N HIS B 169 8.55 -3.18 -1.26
CA HIS B 169 9.64 -3.78 -0.51
C HIS B 169 9.12 -4.97 0.26
N ALA B 170 10.02 -5.74 0.87
CA ALA B 170 9.60 -6.89 1.68
C ALA B 170 8.56 -6.52 2.70
N LYS B 171 8.77 -5.41 3.43
CA LYS B 171 7.78 -4.95 4.38
C LYS B 171 6.36 -4.77 3.82
N ASN B 172 6.24 -4.07 2.69
CA ASN B 172 4.92 -3.85 2.04
C ASN B 172 4.30 -5.16 1.60
N LEU B 173 5.11 -6.04 1.03
CA LEU B 173 4.61 -7.37 0.66
C LEU B 173 4.08 -8.14 1.83
N ALA B 174 4.81 -8.12 2.95
CA ALA B 174 4.41 -8.76 4.20
C ALA B 174 3.11 -8.16 4.73
N ILE B 175 3.02 -6.83 4.68
CA ILE B 175 1.80 -6.18 5.19
C ILE B 175 0.55 -6.55 4.42
N VAL B 176 0.64 -6.66 3.10
CA VAL B 176 -0.50 -7.01 2.26
CA VAL B 176 -0.51 -6.99 2.28
C VAL B 176 -0.85 -8.47 2.42
N TRP B 177 0.19 -9.32 2.52
CA TRP B 177 -0.06 -10.74 2.58
C TRP B 177 -0.53 -11.27 3.96
N ALA B 178 -0.04 -10.67 5.03
CA ALA B 178 -0.17 -11.25 6.37
C ALA B 178 -1.60 -11.57 6.77
N PRO B 179 -2.55 -10.64 6.51
CA PRO B 179 -3.93 -10.97 6.89
C PRO B 179 -4.47 -12.22 6.19
N ASN B 180 -3.98 -12.52 4.98
CA ASN B 180 -4.38 -13.69 4.27
C ASN B 180 -3.77 -14.98 4.89
N LEU B 181 -2.62 -14.87 5.56
CA LEU B 181 -1.81 -16.04 5.94
C LEU B 181 -1.86 -16.42 7.40
N LEU B 182 -2.09 -15.43 8.24
CA LEU B 182 -1.92 -15.54 9.69
C LEU B 182 -3.06 -14.79 10.36
N ARG B 183 -4.01 -15.57 10.88
CA ARG B 183 -5.20 -15.05 11.54
C ARG B 183 -5.64 -15.99 12.69
N SER B 184 -6.25 -15.42 13.72
CA SER B 184 -6.73 -16.22 14.91
C SER B 184 -8.08 -16.91 14.73
N VAL B 201 -3.70 -6.86 12.50
CA VAL B 201 -2.89 -6.03 13.40
C VAL B 201 -1.40 -6.02 13.07
N ARG B 202 -0.64 -5.38 13.97
CA ARG B 202 0.78 -5.07 13.80
C ARG B 202 1.64 -6.32 13.85
N ILE B 203 1.47 -7.15 14.88
CA ILE B 203 2.40 -8.29 15.04
C ILE B 203 2.34 -9.25 13.87
N GLN B 204 1.15 -9.45 13.30
CA GLN B 204 0.99 -10.46 12.28
C GLN B 204 1.92 -10.17 11.10
N SER B 205 1.97 -8.91 10.64
CA SER B 205 2.82 -8.58 9.50
C SER B 205 4.28 -8.72 9.89
N VAL B 206 4.59 -8.48 11.16
CA VAL B 206 5.98 -8.57 11.61
C VAL B 206 6.43 -10.04 11.52
N VAL B 207 5.54 -10.99 11.82
CA VAL B 207 5.87 -12.43 11.71
C VAL B 207 6.18 -12.73 10.24
N VAL B 208 5.30 -12.28 9.35
CA VAL B 208 5.44 -12.67 7.94
C VAL B 208 6.68 -11.98 7.34
N GLU B 209 6.91 -10.73 7.71
CA GLU B 209 8.07 -10.00 7.26
C GLU B 209 9.36 -10.70 7.71
N PHE B 210 9.34 -11.20 8.93
CA PHE B 210 10.53 -11.87 9.47
C PHE B 210 10.80 -13.14 8.64
N ILE B 211 9.75 -13.94 8.40
CA ILE B 211 9.88 -15.18 7.64
C ILE B 211 10.36 -14.92 6.20
N LEU B 212 9.75 -13.92 5.54
CA LEU B 212 10.19 -13.50 4.23
CA LEU B 212 10.19 -13.50 4.22
C LEU B 212 11.68 -13.15 4.19
N ASN B 213 12.13 -12.34 5.13
CA ASN B 213 13.48 -11.82 5.12
C ASN B 213 14.50 -12.89 5.46
N HIS B 214 14.06 -13.96 6.11
CA HIS B 214 14.92 -15.05 6.51
C HIS B 214 14.60 -16.37 5.80
N VAL B 215 14.02 -16.30 4.60
CA VAL B 215 13.47 -17.48 3.96
C VAL B 215 14.57 -18.53 3.66
N ASP B 216 15.74 -18.09 3.20
CA ASP B 216 16.72 -19.06 2.77
C ASP B 216 17.23 -19.89 3.96
N VAL B 217 17.48 -19.26 5.09
CA VAL B 217 18.01 -20.01 6.24
C VAL B 217 16.90 -20.82 6.94
N LEU B 218 15.71 -20.25 7.00
CA LEU B 218 14.56 -20.94 7.63
C LEU B 218 14.11 -22.19 6.86
N PHE B 219 14.32 -22.20 5.55
CA PHE B 219 13.98 -23.36 4.75
C PHE B 219 15.22 -24.03 4.16
N SER B 220 16.34 -23.93 4.87
CA SER B 220 17.58 -24.53 4.38
C SER B 220 17.56 -26.03 4.48
N GLY B 221 16.89 -26.57 5.49
CA GLY B 221 16.96 -28.02 5.83
C GLY B 221 16.77 -29.05 4.70
UNK UNX C . -14.36 5.59 -0.15
UNK UNX D . 7.08 10.15 -2.23
UNK UNX E . 13.34 -5.53 0.70
UNK UNX F . 13.90 -8.67 12.19
UNK UNX G . 14.79 0.51 -4.24
UNK UNX H . 10.25 -18.65 -6.07
UNK UNX I . 4.21 -0.58 8.47
UNK UNX J . -12.81 -28.56 4.21
UNK UNX K . 12.99 -9.10 8.92
UNK UNX L . -8.40 -12.15 -0.65
UNK UNX M . 12.99 -20.52 -19.16
#